data_5FPG
#
_entry.id   5FPG
#
_cell.length_a   41.990
_cell.length_b   76.560
_cell.length_c   148.830
_cell.angle_alpha   90.00
_cell.angle_beta   90.00
_cell.angle_gamma   90.00
#
_symmetry.space_group_name_H-M   'P 21 21 21'
#
loop_
_entity.id
_entity.type
_entity.pdbx_description
1 polymer TANKYRASE-2
2 non-polymer 'ZINC ION'
3 non-polymer '4-[3-(8-METHYL-4-OXO-3,4-DIHYDROQUINAZOLIN-2- YL)PROPANAMIDO]-N-(QUINOLIN-8-YL)BENZAMIDE'
4 water water
#
_entity_poly.entity_id   1
_entity_poly.type   'polypeptide(L)'
_entity_poly.pdbx_seq_one_letter_code
;MHHHHHHSSGVDLGTENLYFQSMLNTSGSGTILIDLSPDDKEFQSVEEEMQSTVREHRDGGHAGGIFNRYNILKIQKVCN
KKLWERYTHRRKEVSEENHNHANERMLFHGSPFVNAIIHKGFDERHAYIGGMFGAGIYFAENSSKSNQYVYGIGGGTGCP
VHKDRSCYICHRQLLFCRVTLGKSFLQFSAMKMAHSPPGHHSVTGRPSVNGLALAEYVIYRGEQAYPEYLITYQIMRPEG
;
_entity_poly.pdbx_strand_id   A,B
#
# COMPACT_ATOMS: atom_id res chain seq x y z
N GLY A 30 33.53 4.74 10.28
CA GLY A 30 33.29 4.86 11.71
C GLY A 30 32.32 3.81 12.22
N THR A 31 32.40 2.61 11.63
CA THR A 31 31.50 1.51 11.97
C THR A 31 32.23 0.41 12.75
N ILE A 32 31.52 -0.21 13.68
CA ILE A 32 32.01 -1.41 14.34
C ILE A 32 30.93 -2.49 14.34
N LEU A 33 31.35 -3.74 14.20
CA LEU A 33 30.44 -4.87 14.06
C LEU A 33 30.38 -5.71 15.34
N ILE A 34 29.16 -6.05 15.74
CA ILE A 34 28.93 -6.80 16.97
C ILE A 34 28.58 -8.26 16.66
N ASP A 35 29.51 -9.16 16.97
CA ASP A 35 29.30 -10.59 16.72
C ASP A 35 28.22 -11.14 17.66
N LEU A 36 27.15 -11.67 17.09
CA LEU A 36 26.06 -12.26 17.87
C LEU A 36 26.26 -13.77 17.97
N SER A 37 26.15 -14.31 19.18
CA SER A 37 26.28 -15.75 19.39
C SER A 37 25.04 -16.47 18.88
N PRO A 38 25.22 -17.70 18.36
CA PRO A 38 24.06 -18.48 17.88
C PRO A 38 23.00 -18.73 18.96
N ASP A 39 23.37 -18.61 20.23
CA ASP A 39 22.44 -18.83 21.34
C ASP A 39 21.84 -17.51 21.82
N ASP A 40 21.60 -16.59 20.88
CA ASP A 40 21.06 -15.28 21.19
C ASP A 40 19.72 -15.07 20.50
N LYS A 41 18.77 -14.49 21.22
CA LYS A 41 17.42 -14.24 20.70
C LYS A 41 17.48 -13.38 19.44
N GLU A 42 18.35 -12.37 19.48
CA GLU A 42 18.55 -11.48 18.35
C GLU A 42 19.06 -12.26 17.14
N PHE A 43 20.02 -13.16 17.39
CA PHE A 43 20.58 -14.00 16.34
C PHE A 43 19.52 -14.93 15.76
N GLN A 44 18.70 -15.49 16.64
CA GLN A 44 17.74 -16.52 16.24
C GLN A 44 16.57 -15.94 15.45
N SER A 45 16.13 -14.74 15.82
CA SER A 45 15.02 -14.11 15.11
C SER A 45 15.43 -13.75 13.69
N VAL A 46 16.67 -13.28 13.54
CA VAL A 46 17.22 -12.97 12.22
C VAL A 46 17.42 -14.27 11.43
N GLU A 47 17.91 -15.30 12.11
CA GLU A 47 18.11 -16.61 11.50
C GLU A 47 16.76 -17.20 11.07
N GLU A 48 15.75 -17.05 11.92
CA GLU A 48 14.42 -17.56 11.63
C GLU A 48 13.82 -16.85 10.42
N GLU A 49 13.85 -15.53 10.43
CA GLU A 49 13.29 -14.74 9.35
C GLU A 49 14.03 -15.01 8.05
N MET A 50 15.29 -15.41 8.17
CA MET A 50 16.11 -15.75 7.02
C MET A 50 15.63 -17.05 6.37
N GLN A 51 15.42 -18.08 7.19
CA GLN A 51 15.03 -19.40 6.71
C GLN A 51 13.56 -19.44 6.32
N SER A 52 12.70 -18.80 7.10
CA SER A 52 11.26 -18.90 6.92
C SER A 52 10.79 -18.20 5.65
N THR A 53 11.52 -17.20 5.20
CA THR A 53 11.11 -16.38 4.06
C THR A 53 11.68 -16.88 2.74
N VAL A 54 12.25 -18.09 2.75
CA VAL A 54 12.79 -18.66 1.51
C VAL A 54 11.65 -19.12 0.61
N ARG A 55 11.70 -18.71 -0.65
CA ARG A 55 10.69 -19.07 -1.63
C ARG A 55 11.26 -20.01 -2.69
N GLU A 56 10.35 -20.60 -3.48
CA GLU A 56 10.74 -21.48 -4.58
C GLU A 56 10.63 -20.73 -5.89
N HIS A 57 11.71 -20.06 -6.27
CA HIS A 57 11.73 -19.24 -7.48
C HIS A 57 11.53 -20.09 -8.73
N ARG A 58 10.72 -19.59 -9.65
CA ARG A 58 10.30 -20.35 -10.82
C ARG A 58 11.34 -20.34 -11.94
N ASP A 59 12.48 -19.70 -11.69
CA ASP A 59 13.55 -19.65 -12.69
C ASP A 59 14.56 -20.77 -12.49
N GLY A 60 14.15 -21.82 -11.78
CA GLY A 60 15.00 -22.98 -11.55
C GLY A 60 16.24 -22.68 -10.75
N GLY A 61 16.27 -21.52 -10.11
CA GLY A 61 17.41 -21.11 -9.30
C GLY A 61 18.58 -20.62 -10.14
N HIS A 62 18.29 -20.22 -11.37
CA HIS A 62 19.32 -19.72 -12.27
C HIS A 62 20.00 -18.49 -11.72
N ALA A 63 19.25 -17.65 -11.01
CA ALA A 63 19.76 -16.38 -10.50
C ALA A 63 20.53 -16.55 -9.19
N GLY A 64 19.87 -17.14 -8.20
CA GLY A 64 20.42 -17.24 -6.85
C GLY A 64 20.92 -18.62 -6.46
N GLY A 65 20.57 -19.63 -7.23
CA GLY A 65 20.98 -21.00 -6.96
C GLY A 65 19.83 -21.85 -6.44
N ILE A 66 20.08 -23.16 -6.35
CA ILE A 66 19.07 -24.12 -5.90
C ILE A 66 19.30 -24.48 -4.43
N PHE A 67 18.31 -24.21 -3.59
CA PHE A 67 18.42 -24.48 -2.15
C PHE A 67 17.07 -24.40 -1.46
N ASN A 68 16.99 -25.03 -0.29
CA ASN A 68 15.80 -24.96 0.56
C ASN A 68 16.05 -24.04 1.74
N ARG A 69 17.18 -24.27 2.41
CA ARG A 69 17.57 -23.50 3.57
C ARG A 69 19.00 -22.98 3.40
N TYR A 70 19.46 -22.19 4.35
CA TYR A 70 20.81 -21.65 4.34
C TYR A 70 21.68 -22.34 5.39
N ASN A 71 22.99 -22.16 5.25
CA ASN A 71 23.94 -22.47 6.31
C ASN A 71 24.43 -21.15 6.89
N ILE A 72 23.73 -20.66 7.91
CA ILE A 72 24.03 -19.34 8.46
C ILE A 72 25.29 -19.39 9.33
N LEU A 73 26.33 -18.67 8.89
CA LEU A 73 27.65 -18.74 9.50
C LEU A 73 27.87 -17.64 10.52
N LYS A 74 27.32 -16.45 10.25
CA LYS A 74 27.55 -15.28 11.10
C LYS A 74 26.45 -14.25 10.95
N ILE A 75 26.05 -13.66 12.07
CA ILE A 75 25.11 -12.54 12.07
C ILE A 75 25.66 -11.44 12.96
N GLN A 76 26.11 -10.35 12.34
CA GLN A 76 26.73 -9.24 13.05
C GLN A 76 25.83 -8.02 13.03
N LYS A 77 25.57 -7.45 14.20
CA LYS A 77 24.80 -6.21 14.29
C LYS A 77 25.71 -5.02 14.02
N VAL A 78 25.25 -4.11 13.16
CA VAL A 78 26.03 -2.94 12.77
C VAL A 78 25.75 -1.77 13.70
N CYS A 79 26.81 -1.15 14.21
CA CYS A 79 26.71 0.04 15.04
C CYS A 79 27.43 1.22 14.42
N ASN A 80 26.67 2.26 14.11
CA ASN A 80 27.23 3.50 13.59
C ASN A 80 26.33 4.67 13.97
N LYS A 81 26.71 5.36 15.04
CA LYS A 81 25.89 6.43 15.60
C LYS A 81 25.56 7.51 14.57
N LYS A 82 26.53 7.83 13.73
CA LYS A 82 26.37 8.89 12.74
C LYS A 82 25.35 8.51 11.67
N LEU A 83 25.39 7.25 11.24
CA LEU A 83 24.45 6.77 10.23
C LEU A 83 23.08 6.49 10.83
N TRP A 84 23.06 6.12 12.11
CA TRP A 84 21.80 5.86 12.79
C TRP A 84 21.05 7.17 13.02
N GLU A 85 21.80 8.23 13.34
CA GLU A 85 21.20 9.55 13.53
C GLU A 85 20.71 10.11 12.20
N ARG A 86 21.39 9.74 11.11
CA ARG A 86 20.95 10.11 9.78
C ARG A 86 19.61 9.45 9.48
N TYR A 87 19.43 8.23 9.99
CA TYR A 87 18.24 7.45 9.74
C TYR A 87 17.05 7.91 10.58
N THR A 88 17.23 7.91 11.90
CA THR A 88 16.15 8.28 12.81
C THR A 88 15.68 9.71 12.58
N HIS A 89 16.58 10.57 12.13
CA HIS A 89 16.22 11.93 11.79
C HIS A 89 15.26 11.97 10.61
N ARG A 90 15.61 11.22 9.57
CA ARG A 90 14.77 11.13 8.38
C ARG A 90 13.47 10.37 8.68
N ARG A 91 13.55 9.45 9.62
CA ARG A 91 12.39 8.63 9.98
C ARG A 91 11.31 9.50 10.61
N LYS A 92 11.73 10.43 11.47
CA LYS A 92 10.81 11.36 12.12
C LYS A 92 10.12 12.24 11.08
N GLU A 93 10.90 12.70 10.11
CA GLU A 93 10.41 13.56 9.05
C GLU A 93 9.31 12.86 8.25
N VAL A 94 9.51 11.58 7.97
CA VAL A 94 8.55 10.81 7.19
C VAL A 94 7.28 10.54 8.00
N SER A 95 7.44 10.30 9.31
CA SER A 95 6.31 10.08 10.19
C SER A 95 5.35 11.27 10.18
N GLU A 96 5.91 12.47 10.30
CA GLU A 96 5.12 13.69 10.27
C GLU A 96 4.35 13.82 8.96
N GLU A 97 4.99 13.44 7.86
CA GLU A 97 4.38 13.53 6.54
C GLU A 97 3.35 12.42 6.28
N ASN A 98 3.26 11.45 7.20
CA ASN A 98 2.39 10.30 7.00
C ASN A 98 1.57 9.98 8.25
N HIS A 99 0.96 11.01 8.84
CA HIS A 99 0.09 10.84 10.00
C HIS A 99 0.79 10.10 11.13
N ASN A 100 2.05 10.45 11.37
CA ASN A 100 2.86 9.83 12.43
C ASN A 100 2.92 8.31 12.27
N HIS A 101 3.18 7.88 11.04
CA HIS A 101 3.38 6.45 10.75
C HIS A 101 4.56 6.28 9.82
N ALA A 102 5.71 5.96 10.40
CA ALA A 102 6.94 5.81 9.62
C ALA A 102 6.85 4.64 8.65
N ASN A 103 5.92 3.72 8.92
CA ASN A 103 5.79 2.49 8.14
C ASN A 103 7.14 1.80 8.07
N GLU A 104 7.74 1.59 9.23
CA GLU A 104 9.05 0.96 9.33
C GLU A 104 8.93 -0.54 9.13
N ARG A 105 9.88 -1.11 8.39
CA ARG A 105 9.88 -2.54 8.12
C ARG A 105 11.29 -3.11 8.01
N MET A 106 11.44 -4.35 8.46
CA MET A 106 12.70 -5.07 8.31
C MET A 106 12.70 -5.83 6.99
N LEU A 107 13.65 -5.49 6.11
CA LEU A 107 13.71 -6.08 4.78
C LEU A 107 15.13 -6.47 4.41
N PHE A 108 15.27 -7.46 3.53
CA PHE A 108 16.57 -7.93 3.09
C PHE A 108 17.09 -7.12 1.91
N HIS A 109 18.41 -6.99 1.81
CA HIS A 109 19.05 -6.38 0.65
C HIS A 109 20.33 -7.12 0.27
N GLY A 110 20.43 -7.48 -1.01
CA GLY A 110 21.61 -8.16 -1.53
C GLY A 110 22.24 -7.36 -2.64
N SER A 111 23.54 -7.16 -2.55
CA SER A 111 24.30 -6.47 -3.59
C SER A 111 25.79 -6.71 -3.39
N PRO A 112 26.59 -6.57 -4.46
CA PRO A 112 28.03 -6.73 -4.31
C PRO A 112 28.70 -5.63 -3.49
N PHE A 113 27.93 -4.61 -3.09
CA PHE A 113 28.48 -3.45 -2.40
C PHE A 113 28.06 -3.38 -0.93
N VAL A 114 27.76 -4.54 -0.36
CA VAL A 114 27.33 -4.62 1.04
C VAL A 114 28.35 -4.00 1.99
N ASN A 115 29.62 -4.32 1.78
CA ASN A 115 30.67 -3.87 2.70
C ASN A 115 30.93 -2.37 2.59
N ALA A 116 30.52 -1.77 1.47
CA ALA A 116 30.61 -0.32 1.32
C ALA A 116 29.47 0.36 2.06
N ILE A 117 28.31 -0.28 2.03
CA ILE A 117 27.10 0.25 2.64
C ILE A 117 27.19 0.31 4.17
N ILE A 118 27.81 -0.70 4.77
CA ILE A 118 27.88 -0.77 6.23
C ILE A 118 28.82 0.28 6.83
N HIS A 119 29.59 0.94 5.97
CA HIS A 119 30.51 1.99 6.43
C HIS A 119 30.05 3.38 5.99
N LYS A 120 29.64 3.50 4.73
CA LYS A 120 29.21 4.78 4.18
C LYS A 120 27.70 4.98 4.30
N GLY A 121 26.98 3.91 4.62
CA GLY A 121 25.53 3.93 4.66
C GLY A 121 24.94 3.74 3.27
N PHE A 122 23.62 3.68 3.18
CA PHE A 122 22.96 3.60 1.88
C PHE A 122 23.07 4.94 1.15
N ASP A 123 23.16 4.87 -0.18
CA ASP A 123 23.43 6.06 -0.98
C ASP A 123 22.73 5.97 -2.34
N GLU A 124 21.73 6.82 -2.55
CA GLU A 124 20.94 6.80 -3.77
C GLU A 124 21.77 7.13 -5.02
N ARG A 125 22.98 7.68 -4.80
CA ARG A 125 23.86 8.04 -5.90
C ARG A 125 24.53 6.81 -6.51
N HIS A 126 24.31 5.65 -5.90
CA HIS A 126 24.80 4.37 -6.41
C HIS A 126 23.62 3.45 -6.71
N ALA A 127 22.46 4.06 -6.92
CA ALA A 127 21.21 3.31 -7.08
C ALA A 127 21.21 2.45 -8.35
N TYR A 128 20.36 1.42 -8.32
CA TYR A 128 20.15 0.57 -9.49
C TYR A 128 19.39 1.34 -10.56
N ILE A 129 20.13 1.95 -11.49
CA ILE A 129 19.53 2.83 -12.49
C ILE A 129 18.58 2.07 -13.40
N GLY A 130 18.93 0.83 -13.73
CA GLY A 130 18.13 0.01 -14.64
C GLY A 130 17.02 -0.76 -13.95
N GLY A 131 16.64 -0.31 -12.76
CA GLY A 131 15.61 -0.98 -11.98
C GLY A 131 14.23 -0.84 -12.61
N MET A 132 13.36 -1.80 -12.34
CA MET A 132 12.01 -1.80 -12.88
C MET A 132 11.21 -0.60 -12.42
N PHE A 133 11.43 -0.19 -11.17
CA PHE A 133 10.71 0.94 -10.58
C PHE A 133 11.62 2.14 -10.42
N GLY A 134 12.46 2.39 -11.41
CA GLY A 134 13.30 3.57 -11.44
C GLY A 134 14.60 3.42 -10.67
N ALA A 135 15.45 4.42 -10.78
CA ALA A 135 16.74 4.42 -10.08
C ALA A 135 16.52 4.57 -8.57
N GLY A 136 16.60 3.45 -7.86
CA GLY A 136 16.41 3.45 -6.43
C GLY A 136 17.12 2.30 -5.73
N ILE A 137 16.88 2.19 -4.44
CA ILE A 137 17.49 1.14 -3.62
C ILE A 137 16.46 0.08 -3.30
N TYR A 138 16.63 -1.11 -3.87
CA TYR A 138 15.63 -2.16 -3.79
C TYR A 138 15.84 -3.10 -2.60
N PHE A 139 14.72 -3.54 -2.03
CA PHE A 139 14.72 -4.50 -0.92
C PHE A 139 13.70 -5.61 -1.21
N ALA A 140 13.55 -6.54 -0.27
CA ALA A 140 12.62 -7.65 -0.46
C ALA A 140 12.15 -8.24 0.86
N GLU A 141 10.93 -8.76 0.85
CA GLU A 141 10.38 -9.51 1.96
C GLU A 141 11.11 -10.84 2.09
N ASN A 142 11.41 -11.44 0.95
CA ASN A 142 11.97 -12.79 0.91
C ASN A 142 13.49 -12.77 0.79
N SER A 143 14.14 -13.45 1.72
CA SER A 143 15.59 -13.53 1.74
C SER A 143 16.12 -14.09 0.43
N SER A 144 15.46 -15.11 -0.08
CA SER A 144 15.89 -15.80 -1.29
C SER A 144 15.84 -14.87 -2.51
N LYS A 145 14.98 -13.87 -2.46
CA LYS A 145 14.84 -12.93 -3.57
C LYS A 145 16.03 -11.98 -3.63
N SER A 146 16.50 -11.53 -2.47
CA SER A 146 17.68 -10.68 -2.41
C SER A 146 18.94 -11.48 -2.72
N ASN A 147 18.90 -12.77 -2.42
CA ASN A 147 20.01 -13.67 -2.70
C ASN A 147 20.34 -13.69 -4.19
N GLN A 148 19.35 -13.38 -5.01
CA GLN A 148 19.53 -13.36 -6.45
C GLN A 148 20.34 -12.15 -6.90
N TYR A 149 20.65 -11.24 -5.98
CA TYR A 149 21.31 -9.98 -6.33
C TYR A 149 22.64 -9.78 -5.61
N VAL A 150 23.09 -10.77 -4.85
CA VAL A 150 24.34 -10.66 -4.10
C VAL A 150 25.55 -10.55 -5.04
N TYR A 151 25.58 -11.38 -6.08
CA TYR A 151 26.71 -11.40 -7.01
C TYR A 151 26.46 -10.54 -8.25
N GLY A 152 25.30 -9.88 -8.28
CA GLY A 152 24.97 -8.99 -9.38
C GLY A 152 23.52 -9.14 -9.80
N ILE A 153 23.09 -8.29 -10.74
CA ILE A 153 21.72 -8.35 -11.24
C ILE A 153 21.49 -9.70 -11.92
N GLY A 154 20.52 -10.45 -11.42
CA GLY A 154 20.21 -11.76 -11.95
C GLY A 154 21.33 -12.75 -11.65
N GLY A 155 22.08 -12.47 -10.59
CA GLY A 155 23.17 -13.34 -10.17
C GLY A 155 24.51 -12.96 -10.76
N GLY A 156 24.50 -12.09 -11.76
CA GLY A 156 25.72 -11.70 -12.46
C GLY A 156 26.35 -12.91 -13.12
N THR A 157 27.68 -12.96 -13.09
CA THR A 157 28.42 -14.13 -13.60
C THR A 157 28.61 -15.16 -12.49
N GLY A 158 28.18 -14.83 -11.28
CA GLY A 158 28.28 -15.72 -10.14
C GLY A 158 29.36 -15.28 -9.17
N CYS A 159 29.79 -16.20 -8.33
CA CYS A 159 30.85 -15.92 -7.36
C CYS A 159 32.15 -15.58 -8.08
N PRO A 160 33.08 -14.91 -7.38
CA PRO A 160 34.33 -14.51 -8.05
C PRO A 160 35.26 -15.68 -8.35
N VAL A 161 35.28 -16.69 -7.49
CA VAL A 161 36.23 -17.79 -7.61
C VAL A 161 35.77 -18.84 -8.63
N HIS A 162 34.57 -19.39 -8.44
CA HIS A 162 34.09 -20.49 -9.27
C HIS A 162 33.16 -20.02 -10.39
N LYS A 163 32.79 -18.75 -10.38
CA LYS A 163 31.85 -18.21 -11.37
C LYS A 163 30.59 -19.08 -11.46
N ASP A 164 30.02 -19.39 -10.30
CA ASP A 164 28.83 -20.22 -10.20
C ASP A 164 27.76 -19.49 -9.40
N ARG A 165 26.65 -19.16 -10.05
CA ARG A 165 25.54 -18.48 -9.39
C ARG A 165 24.89 -19.38 -8.33
N SER A 166 25.15 -20.68 -8.43
CA SER A 166 24.59 -21.66 -7.47
C SER A 166 25.69 -22.28 -6.62
N CYS A 167 26.71 -21.50 -6.29
CA CYS A 167 27.84 -22.00 -5.52
C CYS A 167 27.46 -22.30 -4.07
N TYR A 168 27.84 -23.48 -3.58
CA TYR A 168 27.56 -23.89 -2.21
C TYR A 168 28.79 -23.74 -1.32
N ILE A 169 29.88 -23.24 -1.90
CA ILE A 169 31.16 -23.16 -1.19
C ILE A 169 31.42 -21.74 -0.67
N CYS A 170 31.43 -20.77 -1.58
CA CYS A 170 31.75 -19.39 -1.23
C CYS A 170 30.70 -18.76 -0.32
N HIS A 171 31.17 -17.96 0.64
CA HIS A 171 30.28 -17.28 1.57
C HIS A 171 29.63 -16.07 0.92
N ARG A 172 28.34 -15.88 1.20
CA ARG A 172 27.59 -14.75 0.69
C ARG A 172 27.25 -13.82 1.84
N GLN A 173 26.87 -12.58 1.51
CA GLN A 173 26.51 -11.59 2.52
C GLN A 173 25.26 -10.81 2.15
N LEU A 174 24.24 -10.88 3.01
CA LEU A 174 23.04 -10.08 2.87
C LEU A 174 22.90 -9.09 4.02
N LEU A 175 22.21 -7.99 3.76
CA LEU A 175 21.87 -7.02 4.80
C LEU A 175 20.42 -7.17 5.20
N PHE A 176 20.17 -7.16 6.50
CA PHE A 176 18.81 -7.18 7.06
C PHE A 176 18.56 -5.82 7.68
N CYS A 177 17.92 -4.94 6.90
CA CYS A 177 17.88 -3.51 7.20
C CYS A 177 16.55 -3.03 7.74
N ARG A 178 16.61 -1.95 8.53
CA ARG A 178 15.43 -1.16 8.84
C ARG A 178 15.11 -0.30 7.63
N VAL A 179 13.84 -0.22 7.26
CA VAL A 179 13.44 0.56 6.10
C VAL A 179 12.22 1.41 6.39
N THR A 180 12.39 2.72 6.30
CA THR A 180 11.28 3.66 6.42
C THR A 180 10.56 3.77 5.07
N LEU A 181 9.39 3.17 4.99
CA LEU A 181 8.61 3.18 3.75
C LEU A 181 7.72 4.41 3.64
N GLY A 182 7.26 4.90 4.78
CA GLY A 182 6.34 6.02 4.81
C GLY A 182 5.04 5.63 4.13
N LYS A 183 4.50 6.55 3.33
CA LYS A 183 3.34 6.25 2.51
C LYS A 183 3.84 5.67 1.19
N SER A 184 3.70 4.36 1.04
CA SER A 184 4.25 3.65 -0.10
C SER A 184 3.25 3.58 -1.25
N PHE A 185 3.72 3.80 -2.46
CA PHE A 185 2.87 3.78 -3.65
C PHE A 185 2.90 2.41 -4.32
N LEU A 186 1.71 1.82 -4.49
CA LEU A 186 1.58 0.53 -5.14
C LEU A 186 1.60 0.67 -6.66
N GLN A 187 2.65 0.17 -7.30
CA GLN A 187 2.87 0.38 -8.73
C GLN A 187 2.87 -0.93 -9.51
N PHE A 188 2.59 -0.83 -10.80
CA PHE A 188 2.60 -1.98 -11.71
C PHE A 188 1.53 -3.00 -11.31
N ALA A 194 15.49 8.72 -10.61
CA ALA A 194 14.06 8.82 -10.30
C ALA A 194 13.85 9.15 -8.83
N HIS A 195 12.62 9.51 -8.48
CA HIS A 195 12.26 9.83 -7.10
C HIS A 195 10.94 9.16 -6.73
N SER A 196 10.49 9.39 -5.51
CA SER A 196 9.19 8.90 -5.07
C SER A 196 8.08 9.67 -5.78
N PRO A 197 6.95 9.02 -6.05
CA PRO A 197 5.82 9.80 -6.58
C PRO A 197 5.39 10.86 -5.57
N PRO A 198 4.76 11.95 -6.04
CA PRO A 198 4.36 13.05 -5.15
C PRO A 198 3.55 12.58 -3.94
N GLY A 199 3.90 13.10 -2.77
CA GLY A 199 3.19 12.79 -1.53
C GLY A 199 3.63 11.49 -0.89
N HIS A 200 4.45 10.71 -1.59
CA HIS A 200 4.88 9.40 -1.12
C HIS A 200 6.37 9.39 -0.74
N HIS A 201 6.82 8.28 -0.16
CA HIS A 201 8.20 8.15 0.31
C HIS A 201 8.85 6.86 -0.19
N SER A 202 8.06 5.98 -0.81
CA SER A 202 8.56 4.70 -1.31
C SER A 202 7.59 4.10 -2.32
N VAL A 203 8.02 3.03 -2.98
CA VAL A 203 7.19 2.32 -3.95
C VAL A 203 7.21 0.82 -3.66
N THR A 204 6.02 0.21 -3.59
CA THR A 204 5.87 -1.21 -3.36
C THR A 204 5.34 -1.91 -4.61
N GLY A 205 6.06 -2.92 -5.09
CA GLY A 205 5.65 -3.66 -6.25
C GLY A 205 5.36 -5.12 -5.93
N ARG A 206 4.91 -5.87 -6.93
CA ARG A 206 4.70 -7.31 -6.79
C ARG A 206 4.72 -7.98 -8.17
N PRO A 207 5.88 -7.96 -8.83
CA PRO A 207 6.03 -8.52 -10.18
C PRO A 207 6.07 -10.04 -10.21
N SER A 208 5.46 -10.63 -11.24
CA SER A 208 5.38 -12.08 -11.39
C SER A 208 6.50 -12.58 -12.30
N VAL A 209 7.64 -12.92 -11.70
CA VAL A 209 8.76 -13.45 -12.46
C VAL A 209 8.58 -14.95 -12.71
N ASN A 210 8.50 -15.33 -13.98
CA ASN A 210 8.36 -16.73 -14.40
C ASN A 210 7.12 -17.42 -13.83
N GLY A 211 6.20 -16.65 -13.24
CA GLY A 211 4.93 -17.19 -12.76
C GLY A 211 4.67 -17.00 -11.28
N LEU A 212 5.69 -16.54 -10.54
CA LEU A 212 5.57 -16.34 -9.10
C LEU A 212 5.67 -14.86 -8.75
N ALA A 213 4.69 -14.39 -7.97
CA ALA A 213 4.63 -12.99 -7.57
C ALA A 213 5.21 -12.79 -6.16
N LEU A 214 6.28 -12.01 -6.08
CA LEU A 214 6.90 -11.66 -4.80
C LEU A 214 7.09 -10.16 -4.68
N ALA A 215 6.92 -9.64 -3.46
CA ALA A 215 6.92 -8.20 -3.21
C ALA A 215 8.32 -7.58 -3.32
N GLU A 216 8.35 -6.34 -3.76
CA GLU A 216 9.58 -5.53 -3.77
C GLU A 216 9.34 -4.21 -3.05
N TYR A 217 10.42 -3.57 -2.61
CA TYR A 217 10.32 -2.28 -1.96
C TYR A 217 11.49 -1.40 -2.38
N VAL A 218 11.18 -0.17 -2.75
CA VAL A 218 12.18 0.76 -3.27
C VAL A 218 12.15 2.09 -2.54
N ILE A 219 13.33 2.60 -2.23
CA ILE A 219 13.48 3.95 -1.68
C ILE A 219 14.40 4.74 -2.61
N TYR A 220 14.21 6.06 -2.62
CA TYR A 220 14.96 6.93 -3.52
C TYR A 220 15.78 7.93 -2.72
N ARG A 221 15.94 7.63 -1.43
CA ARG A 221 16.79 8.40 -0.55
C ARG A 221 17.45 7.42 0.42
N GLY A 222 18.78 7.34 0.39
CA GLY A 222 19.51 6.38 1.20
C GLY A 222 19.27 6.54 2.69
N GLU A 223 18.84 7.72 3.10
CA GLU A 223 18.61 8.03 4.51
C GLU A 223 17.48 7.18 5.11
N GLN A 224 16.56 6.74 4.26
CA GLN A 224 15.39 5.99 4.72
C GLN A 224 15.67 4.49 4.89
N ALA A 225 16.93 4.15 5.18
CA ALA A 225 17.31 2.77 5.44
C ALA A 225 18.60 2.69 6.23
N TYR A 226 18.62 1.81 7.22
CA TYR A 226 19.81 1.55 8.02
C TYR A 226 20.14 0.06 8.00
N PRO A 227 21.38 -0.31 7.64
CA PRO A 227 21.72 -1.74 7.65
C PRO A 227 22.02 -2.24 9.06
N GLU A 228 21.03 -2.85 9.71
CA GLU A 228 21.14 -3.17 11.12
C GLU A 228 21.94 -4.44 11.37
N TYR A 229 21.77 -5.43 10.50
CA TYR A 229 22.42 -6.73 10.64
C TYR A 229 23.11 -7.16 9.35
N LEU A 230 24.38 -7.52 9.48
CA LEU A 230 25.14 -8.13 8.38
C LEU A 230 25.12 -9.64 8.53
N ILE A 231 24.60 -10.34 7.53
CA ILE A 231 24.45 -11.79 7.59
C ILE A 231 25.39 -12.51 6.64
N THR A 232 26.41 -13.15 7.20
CA THR A 232 27.31 -14.00 6.41
C THR A 232 26.78 -15.43 6.39
N TYR A 233 26.62 -15.97 5.19
CA TYR A 233 25.96 -17.26 5.03
C TYR A 233 26.37 -17.97 3.74
N GLN A 234 25.76 -19.13 3.51
CA GLN A 234 25.90 -19.85 2.25
C GLN A 234 24.67 -20.73 2.06
N ILE A 235 24.34 -21.01 0.81
CA ILE A 235 23.18 -21.84 0.50
C ILE A 235 23.53 -23.33 0.65
N MET A 236 22.57 -24.12 1.11
CA MET A 236 22.77 -25.55 1.34
C MET A 236 22.42 -26.37 0.10
N ARG A 237 23.26 -27.35 -0.20
CA ARG A 237 22.95 -28.31 -1.24
C ARG A 237 21.77 -29.16 -0.78
N PRO A 238 20.62 -29.06 -1.47
CA PRO A 238 19.36 -29.61 -0.95
C PRO A 238 19.37 -31.12 -0.73
N GLU A 239 20.20 -31.84 -1.48
CA GLU A 239 20.22 -33.29 -1.38
C GLU A 239 20.69 -33.76 -0.01
N GLY B 30 -30.56 2.77 15.23
CA GLY B 30 -30.02 3.49 16.36
C GLY B 30 -29.02 4.56 15.94
N THR B 31 -29.21 5.08 14.72
CA THR B 31 -28.32 6.09 14.17
C THR B 31 -28.87 7.51 14.39
N ILE B 32 -27.97 8.44 14.67
CA ILE B 32 -28.30 9.85 14.83
C ILE B 32 -27.49 10.68 13.83
N LEU B 33 -28.17 11.55 13.08
CA LEU B 33 -27.51 12.39 12.08
C LEU B 33 -27.27 13.80 12.63
N ILE B 34 -26.00 14.14 12.79
CA ILE B 34 -25.61 15.43 13.36
C ILE B 34 -25.34 16.45 12.25
N ASP B 35 -26.20 17.45 12.16
CA ASP B 35 -26.02 18.51 11.16
C ASP B 35 -24.78 19.34 11.49
N LEU B 36 -24.11 19.84 10.45
CA LEU B 36 -22.96 20.71 10.61
C LEU B 36 -23.23 22.07 9.98
N SER B 37 -22.87 23.14 10.68
CA SER B 37 -23.02 24.49 10.16
C SER B 37 -21.97 24.75 9.09
N PRO B 38 -22.34 25.45 8.00
CA PRO B 38 -21.38 25.72 6.93
C PRO B 38 -20.14 26.49 7.38
N ASP B 39 -20.19 27.12 8.55
CA ASP B 39 -19.05 27.86 9.07
C ASP B 39 -18.11 26.96 9.87
N ASP B 40 -18.54 25.73 10.13
CA ASP B 40 -17.73 24.75 10.84
C ASP B 40 -16.55 24.30 9.98
N LYS B 41 -15.34 24.31 10.56
CA LYS B 41 -14.14 23.88 9.83
C LYS B 41 -14.20 22.39 9.55
N GLU B 42 -15.08 21.68 10.24
CA GLU B 42 -15.33 20.27 9.97
C GLU B 42 -16.17 20.15 8.70
N PHE B 43 -17.18 21.01 8.58
CA PHE B 43 -18.01 21.09 7.39
C PHE B 43 -17.18 21.46 6.17
N GLN B 44 -16.25 22.40 6.37
CA GLN B 44 -15.47 22.96 5.28
C GLN B 44 -14.47 21.96 4.70
N SER B 45 -13.85 21.16 5.56
CA SER B 45 -12.87 20.17 5.11
C SER B 45 -13.55 19.11 4.24
N VAL B 46 -14.72 18.65 4.68
CA VAL B 46 -15.51 17.71 3.90
C VAL B 46 -16.02 18.38 2.63
N GLU B 47 -16.39 19.66 2.75
CA GLU B 47 -16.84 20.45 1.62
C GLU B 47 -15.72 20.56 0.58
N GLU B 48 -14.49 20.67 1.05
CA GLU B 48 -13.35 20.87 0.17
C GLU B 48 -12.94 19.57 -0.53
N GLU B 49 -13.06 18.44 0.18
CA GLU B 49 -12.74 17.15 -0.42
C GLU B 49 -13.72 16.82 -1.55
N MET B 50 -14.97 17.22 -1.37
CA MET B 50 -15.97 17.05 -2.42
C MET B 50 -15.59 17.81 -3.69
N GLN B 51 -15.22 19.08 -3.51
CA GLN B 51 -14.94 19.96 -4.63
C GLN B 51 -13.58 19.71 -5.27
N SER B 52 -12.55 19.51 -4.45
CA SER B 52 -11.18 19.46 -4.93
C SER B 52 -10.87 18.17 -5.70
N THR B 53 -11.63 17.12 -5.42
CA THR B 53 -11.38 15.81 -6.02
C THR B 53 -12.24 15.56 -7.24
N VAL B 54 -12.83 16.63 -7.79
CA VAL B 54 -13.64 16.51 -9.00
C VAL B 54 -12.72 16.39 -10.21
N ARG B 55 -13.09 15.50 -11.13
CA ARG B 55 -12.30 15.19 -12.31
C ARG B 55 -13.16 15.28 -13.57
N GLU B 56 -12.49 15.45 -14.70
CA GLU B 56 -13.18 15.51 -15.99
C GLU B 56 -13.27 14.10 -16.57
N HIS B 57 -14.37 13.42 -16.29
CA HIS B 57 -14.55 12.05 -16.75
C HIS B 57 -14.69 11.99 -18.27
N ARG B 58 -13.96 11.05 -18.86
CA ARG B 58 -13.86 10.95 -20.32
C ARG B 58 -15.15 10.48 -20.99
N ASP B 59 -16.14 10.11 -20.19
CA ASP B 59 -17.41 9.63 -20.75
C ASP B 59 -18.33 10.78 -21.16
N GLY B 60 -17.77 12.00 -21.20
CA GLY B 60 -18.54 13.17 -21.60
C GLY B 60 -19.64 13.50 -20.62
N GLY B 61 -19.50 13.00 -19.40
CA GLY B 61 -20.50 13.22 -18.37
C GLY B 61 -21.78 12.45 -18.64
N HIS B 62 -21.64 11.18 -18.99
CA HIS B 62 -22.79 10.34 -19.33
C HIS B 62 -23.40 9.72 -18.07
N ALA B 63 -22.53 9.24 -17.17
CA ALA B 63 -22.99 8.56 -15.97
C ALA B 63 -23.41 9.55 -14.89
N GLY B 64 -22.50 10.45 -14.51
CA GLY B 64 -22.73 11.38 -13.42
C GLY B 64 -23.24 12.75 -13.87
N GLY B 65 -23.07 13.06 -15.15
CA GLY B 65 -23.54 14.31 -15.71
C GLY B 65 -22.42 15.29 -15.99
N ILE B 66 -22.78 16.42 -16.60
CA ILE B 66 -21.82 17.45 -16.96
C ILE B 66 -21.74 18.51 -15.85
N PHE B 67 -20.58 18.59 -15.20
CA PHE B 67 -20.36 19.60 -14.17
C PHE B 67 -18.87 19.67 -13.83
N ASN B 68 -18.49 20.70 -13.09
CA ASN B 68 -17.12 20.82 -12.58
C ASN B 68 -17.09 21.39 -11.16
N ARG B 69 -18.27 21.56 -10.57
CA ARG B 69 -18.39 22.04 -9.19
C ARG B 69 -19.73 21.63 -8.61
N TYR B 70 -19.74 21.39 -7.29
CA TYR B 70 -20.95 20.96 -6.60
C TYR B 70 -21.66 22.11 -5.90
N ASN B 71 -22.92 21.88 -5.56
CA ASN B 71 -23.67 22.77 -4.67
C ASN B 71 -23.94 22.01 -3.38
N ILE B 72 -23.08 22.20 -2.39
CA ILE B 72 -23.19 21.47 -1.13
C ILE B 72 -24.33 22.05 -0.29
N LEU B 73 -25.36 21.24 -0.07
CA LEU B 73 -26.57 21.68 0.63
C LEU B 73 -26.52 21.31 2.10
N LYS B 74 -26.00 20.13 2.41
CA LYS B 74 -26.06 19.62 3.78
C LYS B 74 -24.98 18.56 4.00
N ILE B 75 -24.37 18.61 5.19
CA ILE B 75 -23.38 17.61 5.60
C ILE B 75 -23.70 17.16 7.02
N GLN B 76 -24.14 15.91 7.14
CA GLN B 76 -24.55 15.36 8.43
C GLN B 76 -23.56 14.30 8.91
N LYS B 77 -23.09 14.45 10.15
CA LYS B 77 -22.22 13.44 10.75
C LYS B 77 -23.06 12.27 11.24
N VAL B 78 -22.67 11.06 10.84
CA VAL B 78 -23.42 9.86 11.20
C VAL B 78 -22.88 9.24 12.49
N CYS B 79 -23.73 9.13 13.50
CA CYS B 79 -23.34 8.60 14.80
C CYS B 79 -24.15 7.37 15.18
N ASN B 80 -23.52 6.21 15.11
CA ASN B 80 -24.08 4.96 15.59
C ASN B 80 -23.01 4.21 16.37
N LYS B 81 -23.16 4.17 17.69
CA LYS B 81 -22.16 3.56 18.56
C LYS B 81 -21.99 2.08 18.25
N LYS B 82 -23.07 1.43 17.86
CA LYS B 82 -23.06 0.01 17.52
C LYS B 82 -22.14 -0.24 16.32
N LEU B 83 -22.29 0.60 15.30
CA LEU B 83 -21.51 0.46 14.08
C LEU B 83 -20.06 0.90 14.25
N TRP B 84 -19.84 1.90 15.12
CA TRP B 84 -18.50 2.42 15.32
C TRP B 84 -17.60 1.39 16.00
N GLU B 85 -18.16 0.67 16.98
CA GLU B 85 -17.40 -0.36 17.68
C GLU B 85 -17.20 -1.56 16.77
N ARG B 86 -18.16 -1.82 15.90
CA ARG B 86 -18.05 -2.86 14.90
C ARG B 86 -16.87 -2.56 13.96
N TYR B 87 -16.60 -1.27 13.79
CA TYR B 87 -15.54 -0.83 12.91
C TYR B 87 -14.17 -0.86 13.59
N THR B 88 -14.07 -0.19 14.74
CA THR B 88 -12.80 -0.09 15.46
C THR B 88 -12.31 -1.46 15.91
N HIS B 89 -13.25 -2.36 16.21
CA HIS B 89 -12.90 -3.73 16.58
C HIS B 89 -12.22 -4.43 15.41
N ARG B 90 -12.85 -4.33 14.24
CA ARG B 90 -12.30 -4.90 13.02
C ARG B 90 -10.99 -4.20 12.67
N ARG B 91 -10.93 -2.91 12.95
CA ARG B 91 -9.76 -2.12 12.61
C ARG B 91 -8.53 -2.60 13.37
N LYS B 92 -8.75 -3.13 14.57
CA LYS B 92 -7.65 -3.71 15.35
C LYS B 92 -7.19 -5.02 14.74
N GLU B 93 -8.15 -5.87 14.36
CA GLU B 93 -7.83 -7.15 13.74
C GLU B 93 -7.00 -6.97 12.48
N VAL B 94 -7.35 -5.97 11.69
CA VAL B 94 -6.64 -5.70 10.43
C VAL B 94 -5.22 -5.21 10.69
N SER B 95 -5.10 -4.23 11.58
CA SER B 95 -3.79 -3.65 11.90
C SER B 95 -2.87 -4.70 12.53
N GLU B 96 -3.47 -5.71 13.15
CA GLU B 96 -2.71 -6.79 13.77
C GLU B 96 -2.00 -7.63 12.71
N GLU B 97 -2.61 -7.71 11.54
CA GLU B 97 -2.06 -8.48 10.43
C GLU B 97 -1.37 -7.57 9.41
N ASN B 98 -1.01 -6.36 9.84
CA ASN B 98 -0.46 -5.37 8.93
C ASN B 98 0.55 -4.45 9.62
N HIS B 99 1.37 -5.05 10.49
CA HIS B 99 2.46 -4.34 11.15
C HIS B 99 1.96 -3.15 11.97
N ASN B 100 0.93 -3.38 12.76
CA ASN B 100 0.35 -2.35 13.63
C ASN B 100 -0.01 -1.08 12.85
N HIS B 101 -0.81 -1.26 11.80
CA HIS B 101 -1.31 -0.13 11.03
C HIS B 101 -2.48 -0.56 10.15
N ALA B 102 -3.63 0.08 10.36
CA ALA B 102 -4.85 -0.29 9.67
C ALA B 102 -4.89 0.20 8.22
N ASN B 103 -3.95 1.07 7.87
CA ASN B 103 -3.95 1.71 6.55
C ASN B 103 -5.32 2.33 6.27
N GLU B 104 -5.76 3.17 7.18
CA GLU B 104 -7.08 3.79 7.10
C GLU B 104 -7.09 4.91 6.06
N ARG B 105 -8.23 5.07 5.39
CA ARG B 105 -8.37 6.07 4.33
C ARG B 105 -9.77 6.66 4.31
N MET B 106 -9.86 7.92 3.90
CA MET B 106 -11.14 8.58 3.71
C MET B 106 -11.54 8.55 2.24
N LEU B 107 -12.56 7.76 1.93
CA LEU B 107 -12.99 7.56 0.55
C LEU B 107 -14.48 7.84 0.38
N PHE B 108 -14.88 8.08 -0.86
CA PHE B 108 -16.27 8.36 -1.18
C PHE B 108 -16.99 7.10 -1.62
N HIS B 109 -18.28 7.02 -1.30
CA HIS B 109 -19.15 5.96 -1.80
C HIS B 109 -20.48 6.53 -2.28
N GLY B 110 -20.91 6.09 -3.46
CA GLY B 110 -22.18 6.50 -4.02
C GLY B 110 -22.97 5.31 -4.50
N SER B 111 -24.19 5.18 -4.00
CA SER B 111 -25.09 4.11 -4.43
C SER B 111 -26.53 4.50 -4.11
N PRO B 112 -27.51 3.81 -4.72
CA PRO B 112 -28.91 4.05 -4.39
C PRO B 112 -29.35 3.47 -3.04
N PHE B 113 -28.40 3.11 -2.18
CA PHE B 113 -28.71 2.44 -0.93
C PHE B 113 -28.07 3.13 0.27
N VAL B 114 -27.69 4.39 0.10
CA VAL B 114 -27.03 5.15 1.16
C VAL B 114 -27.88 5.25 2.42
N ASN B 115 -29.18 5.51 2.27
CA ASN B 115 -30.07 5.63 3.42
C ASN B 115 -30.18 4.33 4.22
N ALA B 116 -29.91 3.20 3.56
CA ALA B 116 -29.92 1.91 4.23
C ALA B 116 -28.60 1.69 4.99
N ILE B 117 -27.50 2.13 4.38
CA ILE B 117 -26.17 1.93 4.93
C ILE B 117 -25.96 2.70 6.24
N ILE B 118 -26.51 3.91 6.31
CA ILE B 118 -26.31 4.76 7.48
C ILE B 118 -27.03 4.24 8.72
N HIS B 119 -28.03 3.38 8.50
CA HIS B 119 -28.82 2.82 9.61
C HIS B 119 -28.38 1.40 9.97
N LYS B 120 -27.92 0.64 8.97
CA LYS B 120 -27.61 -0.77 9.16
C LYS B 120 -26.12 -1.07 8.89
N GLY B 121 -25.37 -0.05 8.47
CA GLY B 121 -23.96 -0.22 8.21
C GLY B 121 -23.73 -0.90 6.87
N PHE B 122 -22.51 -0.79 6.35
CA PHE B 122 -22.17 -1.47 5.11
C PHE B 122 -22.34 -2.97 5.28
N ASP B 123 -22.76 -3.64 4.20
CA ASP B 123 -23.05 -5.06 4.24
C ASP B 123 -22.57 -5.74 2.97
N GLU B 124 -21.61 -6.66 3.11
CA GLU B 124 -21.04 -7.37 1.98
C GLU B 124 -22.08 -8.28 1.34
N ARG B 125 -23.14 -8.57 2.08
CA ARG B 125 -24.23 -9.39 1.56
C ARG B 125 -25.04 -8.65 0.50
N HIS B 126 -24.82 -7.34 0.40
CA HIS B 126 -25.46 -6.50 -0.61
C HIS B 126 -24.41 -5.90 -1.54
N ALA B 127 -23.30 -6.61 -1.69
CA ALA B 127 -22.18 -6.09 -2.46
C ALA B 127 -22.50 -5.97 -3.95
N TYR B 128 -21.62 -5.29 -4.67
CA TYR B 128 -21.70 -5.14 -6.11
C TYR B 128 -21.13 -6.40 -6.77
N ILE B 129 -22.00 -7.37 -7.03
CA ILE B 129 -21.57 -8.66 -7.57
C ILE B 129 -20.99 -8.51 -8.97
N GLY B 130 -21.58 -7.64 -9.77
CA GLY B 130 -21.13 -7.43 -11.14
C GLY B 130 -19.94 -6.49 -11.22
N GLY B 131 -19.27 -6.26 -10.09
CA GLY B 131 -18.14 -5.36 -10.04
C GLY B 131 -16.93 -5.89 -10.79
N MET B 132 -16.05 -4.98 -11.19
CA MET B 132 -14.87 -5.33 -11.97
C MET B 132 -13.87 -6.17 -11.16
N PHE B 133 -13.90 -5.99 -9.84
CA PHE B 133 -12.98 -6.70 -8.94
C PHE B 133 -13.74 -7.56 -7.93
N GLY B 134 -14.68 -8.35 -8.43
CA GLY B 134 -15.43 -9.29 -7.61
C GLY B 134 -16.56 -8.65 -6.83
N ALA B 135 -17.34 -9.49 -6.15
CA ALA B 135 -18.44 -9.00 -5.32
C ALA B 135 -17.90 -8.33 -4.08
N GLY B 136 -17.89 -7.00 -4.09
CA GLY B 136 -17.38 -6.22 -2.98
C GLY B 136 -18.01 -4.84 -2.87
N ILE B 137 -17.56 -4.09 -1.88
CA ILE B 137 -18.05 -2.74 -1.63
C ILE B 137 -17.04 -1.72 -2.14
N TYR B 138 -17.43 -0.97 -3.17
CA TYR B 138 -16.50 -0.10 -3.89
C TYR B 138 -16.52 1.34 -3.37
N PHE B 139 -15.33 1.95 -3.34
CA PHE B 139 -15.16 3.33 -2.91
C PHE B 139 -14.30 4.09 -3.93
N ALA B 140 -14.08 5.38 -3.68
CA ALA B 140 -13.31 6.20 -4.61
C ALA B 140 -12.59 7.35 -3.92
N GLU B 141 -11.47 7.77 -4.51
CA GLU B 141 -10.75 8.96 -4.08
C GLU B 141 -11.45 10.22 -4.57
N ASN B 142 -12.12 10.08 -5.71
CA ASN B 142 -12.77 11.20 -6.37
C ASN B 142 -14.28 11.15 -6.22
N SER B 143 -14.85 12.20 -5.63
CA SER B 143 -16.29 12.30 -5.44
C SER B 143 -17.01 12.19 -6.78
N SER B 144 -16.41 12.76 -7.82
CA SER B 144 -17.00 12.76 -9.15
C SER B 144 -17.21 11.35 -9.69
N LYS B 145 -16.38 10.42 -9.22
CA LYS B 145 -16.49 9.02 -9.65
C LYS B 145 -17.59 8.31 -8.87
N SER B 146 -17.68 8.58 -7.57
CA SER B 146 -18.76 8.04 -6.75
C SER B 146 -20.09 8.62 -7.22
N ASN B 147 -20.02 9.84 -7.75
CA ASN B 147 -21.21 10.51 -8.25
C ASN B 147 -21.80 9.77 -9.46
N GLN B 148 -20.96 9.00 -10.16
CA GLN B 148 -21.41 8.25 -11.32
C GLN B 148 -22.26 7.04 -10.92
N TYR B 149 -22.33 6.75 -9.63
CA TYR B 149 -23.00 5.53 -9.16
C TYR B 149 -24.16 5.82 -8.21
N VAL B 150 -24.51 7.08 -8.05
CA VAL B 150 -25.57 7.48 -7.13
C VAL B 150 -26.92 6.90 -7.55
N TYR B 151 -27.19 6.91 -8.85
CA TYR B 151 -28.46 6.46 -9.40
C TYR B 151 -28.32 5.09 -10.07
N GLY B 152 -27.43 4.27 -9.54
CA GLY B 152 -27.18 2.94 -10.08
C GLY B 152 -25.92 2.89 -10.91
N ILE B 153 -25.58 1.68 -11.37
CA ILE B 153 -24.35 1.48 -12.14
C ILE B 153 -24.41 2.29 -13.43
N GLY B 154 -23.37 3.08 -13.68
CA GLY B 154 -23.31 3.91 -14.87
C GLY B 154 -24.37 4.99 -14.88
N GLY B 155 -24.88 5.33 -13.70
CA GLY B 155 -25.91 6.35 -13.57
C GLY B 155 -27.31 5.77 -13.67
N GLY B 156 -27.41 4.57 -14.25
CA GLY B 156 -28.69 3.91 -14.41
C GLY B 156 -29.66 4.73 -15.24
N THR B 157 -30.82 5.00 -14.67
CA THR B 157 -31.86 5.78 -15.35
C THR B 157 -31.64 7.27 -15.15
N GLY B 158 -31.01 7.62 -14.03
CA GLY B 158 -30.86 9.01 -13.62
C GLY B 158 -31.76 9.27 -12.43
N CYS B 159 -32.10 10.53 -12.19
CA CYS B 159 -32.99 10.88 -11.09
C CYS B 159 -34.33 10.18 -11.25
N PRO B 160 -35.01 9.89 -10.13
CA PRO B 160 -36.30 9.19 -10.20
C PRO B 160 -37.43 10.04 -10.76
N VAL B 161 -37.23 11.35 -10.83
CA VAL B 161 -38.29 12.27 -11.25
C VAL B 161 -38.24 12.57 -12.75
N HIS B 162 -37.10 13.10 -13.20
CA HIS B 162 -36.96 13.55 -14.58
C HIS B 162 -36.25 12.51 -15.44
N LYS B 163 -35.77 11.44 -14.82
CA LYS B 163 -35.05 10.39 -15.53
C LYS B 163 -33.85 10.97 -16.28
N ASP B 164 -33.16 11.90 -15.62
CA ASP B 164 -32.01 12.58 -16.21
C ASP B 164 -30.75 12.37 -15.36
N ARG B 165 -29.78 11.65 -15.91
CA ARG B 165 -28.54 11.38 -15.20
C ARG B 165 -27.72 12.65 -14.98
N SER B 166 -28.04 13.70 -15.73
CA SER B 166 -27.36 14.99 -15.62
C SER B 166 -28.30 16.05 -15.04
N CYS B 167 -29.18 15.63 -14.14
CA CYS B 167 -30.17 16.51 -13.55
C CYS B 167 -29.53 17.45 -12.53
N TYR B 168 -29.76 18.76 -12.71
CA TYR B 168 -29.22 19.77 -11.81
C TYR B 168 -30.25 20.17 -10.75
N ILE B 169 -31.44 19.57 -10.82
CA ILE B 169 -32.54 19.90 -9.90
C ILE B 169 -32.56 18.96 -8.70
N CYS B 170 -32.65 17.66 -8.99
CA CYS B 170 -32.81 16.66 -7.94
C CYS B 170 -31.57 16.56 -7.05
N HIS B 171 -31.80 16.45 -5.74
CA HIS B 171 -30.71 16.31 -4.77
C HIS B 171 -30.08 14.92 -4.84
N ARG B 172 -28.80 14.86 -4.50
CA ARG B 172 -28.06 13.60 -4.52
C ARG B 172 -27.41 13.37 -3.16
N GLN B 173 -26.92 12.16 -2.93
CA GLN B 173 -26.30 11.82 -1.65
C GLN B 173 -25.06 10.93 -1.82
N LEU B 174 -23.98 11.33 -1.15
CA LEU B 174 -22.74 10.56 -1.12
C LEU B 174 -22.29 10.33 0.31
N LEU B 175 -21.60 9.22 0.54
CA LEU B 175 -21.00 8.94 1.82
C LEU B 175 -19.51 9.22 1.77
N PHE B 176 -19.02 9.93 2.78
CA PHE B 176 -17.59 10.15 2.96
C PHE B 176 -17.15 9.26 4.13
N CYS B 177 -16.64 8.08 3.79
CA CYS B 177 -16.48 6.99 4.75
C CYS B 177 -15.07 6.82 5.27
N ARG B 178 -14.97 6.32 6.49
CA ARG B 178 -13.71 5.95 7.10
C ARG B 178 -13.46 4.47 6.81
N VAL B 179 -12.53 4.19 5.90
CA VAL B 179 -12.34 2.84 5.36
C VAL B 179 -10.98 2.23 5.73
N THR B 180 -11.03 1.04 6.33
CA THR B 180 -9.82 0.28 6.66
C THR B 180 -9.40 -0.57 5.46
N LEU B 181 -8.25 -0.23 4.87
CA LEU B 181 -7.76 -0.93 3.68
C LEU B 181 -6.80 -2.05 4.05
N GLY B 182 -6.07 -1.87 5.14
CA GLY B 182 -5.04 -2.81 5.55
C GLY B 182 -4.04 -3.03 4.43
N LYS B 183 -3.53 -4.25 4.32
CA LYS B 183 -2.64 -4.61 3.22
C LYS B 183 -3.49 -4.85 1.97
N SER B 184 -3.46 -3.88 1.06
CA SER B 184 -4.32 -3.90 -0.12
C SER B 184 -3.60 -4.53 -1.32
N PHE B 185 -4.35 -5.31 -2.10
CA PHE B 185 -3.82 -5.98 -3.28
C PHE B 185 -4.07 -5.15 -4.54
N LEU B 186 -3.02 -4.93 -5.32
CA LEU B 186 -3.13 -4.20 -6.58
C LEU B 186 -3.47 -5.17 -7.71
N GLN B 187 -4.54 -4.88 -8.45
CA GLN B 187 -5.05 -5.80 -9.47
C GLN B 187 -5.24 -5.13 -10.83
N PHE B 188 -5.36 -5.95 -11.86
CA PHE B 188 -5.57 -5.48 -13.24
C PHE B 188 -4.37 -4.67 -13.72
N ALA B 194 -16.99 -12.64 -4.20
CA ALA B 194 -15.55 -12.80 -4.02
C ALA B 194 -15.12 -12.34 -2.64
N HIS B 195 -13.86 -12.62 -2.31
CA HIS B 195 -13.27 -12.20 -1.04
C HIS B 195 -11.94 -11.51 -1.27
N SER B 196 -11.27 -11.13 -0.19
CA SER B 196 -9.95 -10.53 -0.27
C SER B 196 -8.92 -11.62 -0.54
N PRO B 197 -7.88 -11.31 -1.36
CA PRO B 197 -6.86 -12.34 -1.59
C PRO B 197 -6.12 -12.68 -0.30
N PRO B 198 -5.59 -13.91 -0.20
CA PRO B 198 -4.97 -14.38 1.05
C PRO B 198 -3.82 -13.50 1.51
N GLY B 199 -3.86 -13.10 2.78
CA GLY B 199 -2.84 -12.26 3.35
C GLY B 199 -3.18 -10.78 3.27
N HIS B 200 -4.20 -10.46 2.46
CA HIS B 200 -4.61 -9.08 2.22
C HIS B 200 -5.98 -8.79 2.83
N HIS B 201 -6.39 -7.53 2.79
CA HIS B 201 -7.64 -7.09 3.42
C HIS B 201 -8.50 -6.24 2.49
N SER B 202 -7.98 -5.91 1.31
CA SER B 202 -8.72 -5.09 0.36
C SER B 202 -8.08 -5.18 -1.03
N VAL B 203 -8.73 -4.57 -2.02
CA VAL B 203 -8.24 -4.57 -3.39
C VAL B 203 -8.21 -3.15 -3.96
N THR B 204 -7.03 -2.70 -4.37
CA THR B 204 -6.88 -1.41 -5.03
C THR B 204 -6.74 -1.60 -6.54
N GLY B 205 -7.38 -0.73 -7.30
CA GLY B 205 -7.32 -0.80 -8.75
C GLY B 205 -7.31 0.59 -9.35
N ARG B 206 -6.82 0.69 -10.58
CA ARG B 206 -6.78 1.97 -11.29
C ARG B 206 -7.13 1.78 -12.76
N PRO B 207 -8.39 1.43 -13.04
CA PRO B 207 -8.82 1.16 -14.41
C PRO B 207 -9.05 2.45 -15.20
N SER B 208 -8.53 2.51 -16.42
CA SER B 208 -8.65 3.68 -17.26
C SER B 208 -9.90 3.61 -18.13
N VAL B 209 -10.60 4.73 -18.24
CA VAL B 209 -11.73 4.86 -19.15
C VAL B 209 -11.41 5.95 -20.17
N ASN B 210 -11.15 5.52 -21.40
CA ASN B 210 -10.76 6.42 -22.48
C ASN B 210 -9.53 7.26 -22.11
N GLY B 211 -8.62 6.65 -21.37
CA GLY B 211 -7.35 7.28 -21.03
C GLY B 211 -7.39 8.08 -19.74
N LEU B 212 -8.24 7.68 -18.80
CA LEU B 212 -8.33 8.35 -17.50
C LEU B 212 -8.44 7.31 -16.38
N ALA B 213 -7.29 7.01 -15.78
CA ALA B 213 -7.23 6.01 -14.71
C ALA B 213 -7.37 6.67 -13.34
N LEU B 214 -8.53 6.48 -12.72
CA LEU B 214 -8.77 6.96 -11.37
C LEU B 214 -8.79 5.77 -10.40
N ALA B 215 -8.15 5.94 -9.26
CA ALA B 215 -7.97 4.85 -8.30
C ALA B 215 -9.25 4.55 -7.53
N GLU B 216 -9.62 3.26 -7.49
CA GLU B 216 -10.78 2.81 -6.72
C GLU B 216 -10.38 1.70 -5.75
N TYR B 217 -11.17 1.53 -4.68
CA TYR B 217 -10.83 0.63 -3.60
C TYR B 217 -12.01 -0.25 -3.21
N VAL B 218 -11.75 -1.54 -3.01
CA VAL B 218 -12.80 -2.52 -2.72
C VAL B 218 -12.57 -3.23 -1.39
N ILE B 219 -13.65 -3.43 -0.63
CA ILE B 219 -13.60 -4.23 0.59
C ILE B 219 -14.67 -5.32 0.50
N TYR B 220 -14.40 -6.45 1.17
CA TYR B 220 -15.30 -7.61 1.11
C TYR B 220 -15.86 -7.93 2.49
N ARG B 221 -15.67 -6.99 3.41
CA ARG B 221 -16.26 -7.05 4.73
C ARG B 221 -16.84 -5.69 5.10
N GLY B 222 -18.14 -5.65 5.35
CA GLY B 222 -18.81 -4.41 5.69
C GLY B 222 -18.24 -3.71 6.90
N GLU B 223 -17.59 -4.47 7.78
CA GLU B 223 -17.07 -3.94 9.03
C GLU B 223 -15.82 -3.08 8.80
N GLN B 224 -15.22 -3.20 7.62
CA GLN B 224 -13.99 -2.46 7.33
C GLN B 224 -14.28 -1.06 6.81
N ALA B 225 -15.52 -0.62 6.94
CA ALA B 225 -15.90 0.73 6.53
C ALA B 225 -17.00 1.27 7.44
N TYR B 226 -16.91 2.56 7.73
CA TYR B 226 -17.91 3.25 8.53
C TYR B 226 -18.35 4.53 7.82
N PRO B 227 -19.65 4.64 7.50
CA PRO B 227 -20.12 5.88 6.86
C PRO B 227 -20.15 7.03 7.86
N GLU B 228 -19.16 7.92 7.79
CA GLU B 228 -18.99 8.93 8.82
C GLU B 228 -19.75 10.22 8.51
N TYR B 229 -19.81 10.57 7.23
CA TYR B 229 -20.51 11.77 6.79
C TYR B 229 -21.50 11.47 5.67
N LEU B 230 -22.74 11.96 5.83
CA LEU B 230 -23.73 11.94 4.78
C LEU B 230 -23.79 13.31 4.11
N ILE B 231 -23.44 13.34 2.82
CA ILE B 231 -23.35 14.60 2.07
C ILE B 231 -24.50 14.71 1.08
N THR B 232 -25.40 15.67 1.33
CA THR B 232 -26.45 15.99 0.37
C THR B 232 -26.02 17.18 -0.50
N TYR B 233 -26.17 17.04 -1.81
CA TYR B 233 -25.63 18.01 -2.75
C TYR B 233 -26.36 18.02 -4.08
N GLN B 234 -25.92 18.91 -4.96
CA GLN B 234 -26.35 18.95 -6.35
C GLN B 234 -25.15 19.22 -7.25
N ILE B 235 -25.23 18.78 -8.50
CA ILE B 235 -24.24 19.17 -9.49
C ILE B 235 -24.64 20.53 -10.06
N MET B 236 -23.64 21.39 -10.30
CA MET B 236 -23.91 22.74 -10.79
C MET B 236 -23.94 22.80 -12.31
N ARG B 237 -24.97 23.44 -12.84
CA ARG B 237 -25.05 23.70 -14.26
C ARG B 237 -24.02 24.76 -14.62
N PRO B 238 -23.03 24.42 -15.45
CA PRO B 238 -22.01 25.43 -15.78
C PRO B 238 -22.54 26.48 -16.76
N GLU B 239 -21.91 27.65 -16.77
CA GLU B 239 -22.26 28.71 -17.73
C GLU B 239 -21.00 29.35 -18.30
#